data_8DZJ
#
_entry.id   8DZJ
#
_cell.length_a   1.00
_cell.length_b   1.00
_cell.length_c   1.00
_cell.angle_alpha   90.00
_cell.angle_beta   90.00
_cell.angle_gamma   90.00
#
_symmetry.space_group_name_H-M   'P 1'
#
loop_
_entity.id
_entity.type
_entity.pdbx_description
1 polymer 'OrfB_Zn_ribbon domain-containing protein'
2 polymer 'target DNA strand'
3 polymer 'Non-target DNA strand'
4 polymer sgRNA
5 non-polymer 'ZINC ION'
#
loop_
_entity_poly.entity_id
_entity_poly.type
_entity_poly.pdbx_seq_one_letter_code
_entity_poly.pdbx_strand_id
1 'polypeptide(L)'
;MAHHHHHHSAALEVLFQGPGYQDPMIKVYRYEIVKPLDLDWKEFGTILRQLQQETRFALNKATQLAWEWMGFSSDYKDNH
GEYPKSKDILGYTNVHGYAYHTIKTKAYRLNSGNLSQTIKRATDRFKAYQKEILRGDMSIPSYKRDIPLDLIKENISVNR
MNHGDYIASLSLLSNPAKQEMNVKRKISVIIIVRGAGKTIMDRILSGEYQVSASQIIHDDRKNKWYLNISYDFEPQTRVL
DLNKIMGIALGVAVAVYMAFQHTPARYKLEGGEIENFRRQVESRRISMLRQGKYAGGARGGHGRDKRIKPIEQLRDKIAN
FRDTTNHRYSRYIVDMAIKEGCGTIQMEDLTNIRDIGSRFLQNWTYYDLQQKIIYKAEEAGIKVIKIDPQYTSQRCSECG
NIDSGNRIGQAIFKCRACGYEANADYNAARNIAIPNIDKIIAESIK
;
A,B
2 'polydeoxyribonucleotide'
;(DT)(DT)(DC)(DC)(DG)(DG)(DC)(DC)(DT)(DG)(DG)(DA)(DT)(DT)(DG)(DT)(DG)(DG)(DG)(DT)
(DC)(DT)(DT)(DG)(DA)(DG)(DA)(DG)(DC)(DA)(DA)(DA)(DA)(DA)(DC)(DC)(DT)(DG)(DT)(DT)
(DT)(DT)
;
C
3 'polydeoxyribonucleotide'
;(DA)(DA)(DA)(DA)(DC)(DA)(DG)(DG)(DT)(DT)(DT)(DT)(DT)(DG)(DC)(DT)(DC)(DT)(DC)(DA)
(DA)(DG)(DA)(DC)(DC)(DC)(DA)(DC)(DA)(DA)(DT)(DC)(DC)(DA)(DG)(DG)(DC)(DC)(DG)(DG)
(DA)(DA)
;
D
4 'polyribonucleotide'
;GGAUUCGUCGGUUCAGCGACGAUAAGCCGAGAAGUGCCAAUAAAACUGUUAAGUGGUUUGGUAACGCUCGGUAAGGUAGC
CAAAAGGCUGAAACUCCGUGCACAAAGACCGCACGGACGCUUCACAUAUAGCUCAUAAACAAGGGUUUGCGAGCUAGCUU
GUGGAGUGUGAACCUCUCAAGACCCACAAUCCA
;
E
#
# COMPACT_ATOMS: atom_id res chain seq x y z
N PRO A 24 8.98 -0.55 -26.22
CA PRO A 24 8.37 -1.87 -26.10
C PRO A 24 7.53 -2.02 -24.83
N MET A 25 6.24 -2.28 -25.00
CA MET A 25 5.37 -2.43 -23.85
C MET A 25 5.38 -3.87 -23.35
N ILE A 26 4.93 -4.05 -22.11
CA ILE A 26 4.83 -5.36 -21.49
C ILE A 26 3.38 -5.59 -21.10
N LYS A 27 2.82 -6.72 -21.53
CA LYS A 27 1.48 -7.14 -21.17
C LYS A 27 1.53 -8.55 -20.60
N VAL A 28 0.43 -8.96 -19.97
CA VAL A 28 0.38 -10.23 -19.27
C VAL A 28 -0.86 -10.99 -19.70
N TYR A 29 -0.69 -12.25 -20.09
CA TYR A 29 -1.82 -13.13 -20.34
C TYR A 29 -1.64 -14.43 -19.58
N ARG A 30 -2.73 -14.92 -19.00
CA ARG A 30 -2.69 -16.14 -18.20
C ARG A 30 -3.24 -17.32 -18.98
N TYR A 31 -2.53 -18.44 -18.93
CA TYR A 31 -2.96 -19.69 -19.52
C TYR A 31 -3.10 -20.74 -18.43
N GLU A 32 -4.25 -21.41 -18.40
CA GLU A 32 -4.52 -22.38 -17.34
C GLU A 32 -3.68 -23.64 -17.54
N ILE A 33 -3.15 -24.17 -16.45
CA ILE A 33 -2.41 -25.43 -16.46
C ILE A 33 -3.42 -26.53 -16.14
N VAL A 34 -3.64 -27.45 -17.09
CA VAL A 34 -4.69 -28.44 -16.92
C VAL A 34 -4.14 -29.71 -16.27
N LYS A 35 -2.91 -30.10 -16.63
CA LYS A 35 -2.33 -31.32 -16.10
C LYS A 35 -0.82 -31.24 -16.22
N PRO A 36 -0.08 -31.91 -15.34
CA PRO A 36 1.36 -32.07 -15.54
C PRO A 36 1.66 -33.29 -16.39
N LEU A 37 2.78 -33.22 -17.10
CA LEU A 37 3.26 -34.35 -17.89
C LEU A 37 4.27 -35.15 -17.08
N ASP A 38 4.03 -36.45 -16.98
CA ASP A 38 4.89 -37.42 -16.29
C ASP A 38 4.92 -37.22 -14.78
N LEU A 39 4.03 -36.39 -14.23
CA LEU A 39 3.88 -36.23 -12.80
C LEU A 39 2.40 -36.27 -12.45
N ASP A 40 2.09 -36.79 -11.27
CA ASP A 40 0.72 -36.75 -10.77
C ASP A 40 0.40 -35.35 -10.29
N TRP A 41 -0.89 -35.10 -10.04
CA TRP A 41 -1.28 -33.78 -9.54
C TRP A 41 -0.91 -33.61 -8.08
N LYS A 42 -0.87 -34.71 -7.31
CA LYS A 42 -0.43 -34.61 -5.93
C LYS A 42 1.01 -34.14 -5.84
N GLU A 43 1.91 -34.76 -6.62
CA GLU A 43 3.31 -34.37 -6.59
C GLU A 43 3.50 -32.94 -7.12
N PHE A 44 2.81 -32.59 -8.19
CA PHE A 44 2.93 -31.24 -8.73
C PHE A 44 2.43 -30.19 -7.75
N GLY A 45 1.29 -30.47 -7.09
CA GLY A 45 0.79 -29.55 -6.10
C GLY A 45 1.71 -29.39 -4.91
N THR A 46 2.27 -30.50 -4.43
CA THR A 46 3.24 -30.42 -3.34
C THR A 46 4.47 -29.61 -3.76
N ILE A 47 4.97 -29.85 -4.97
CA ILE A 47 6.12 -29.10 -5.46
C ILE A 47 5.82 -27.61 -5.53
N LEU A 48 4.65 -27.26 -6.05
CA LEU A 48 4.31 -25.84 -6.20
C LEU A 48 4.12 -25.18 -4.84
N ARG A 49 3.46 -25.86 -3.91
CA ARG A 49 3.29 -25.31 -2.56
C ARG A 49 4.64 -25.09 -1.88
N GLN A 50 5.53 -26.07 -1.98
CA GLN A 50 6.87 -25.90 -1.43
C GLN A 50 7.57 -24.72 -2.06
N LEU A 51 7.61 -24.67 -3.39
CA LEU A 51 8.30 -23.59 -4.08
C LEU A 51 7.74 -22.23 -3.67
N GLN A 52 6.42 -22.17 -3.42
CA GLN A 52 5.84 -20.95 -2.87
C GLN A 52 6.44 -20.63 -1.51
N GLN A 53 6.62 -21.66 -0.67
CA GLN A 53 7.21 -21.43 0.65
C GLN A 53 8.61 -20.86 0.55
N GLU A 54 9.47 -21.45 -0.30
CA GLU A 54 10.81 -20.87 -0.44
C GLU A 54 10.78 -19.50 -1.13
N THR A 55 9.80 -19.25 -2.00
CA THR A 55 9.69 -17.92 -2.61
C THR A 55 9.41 -16.86 -1.55
N ARG A 56 8.44 -17.13 -0.68
CA ARG A 56 8.13 -16.18 0.38
C ARG A 56 9.30 -16.03 1.35
N PHE A 57 9.94 -17.15 1.72
CA PHE A 57 11.11 -17.10 2.58
C PHE A 57 12.20 -16.23 1.97
N ALA A 58 12.48 -16.42 0.69
CA ALA A 58 13.53 -15.65 0.02
C ALA A 58 13.20 -14.17 0.02
N LEU A 59 11.95 -13.82 -0.30
CA LEU A 59 11.57 -12.41 -0.31
C LEU A 59 11.76 -11.78 1.06
N ASN A 60 11.18 -12.40 2.10
CA ASN A 60 11.25 -11.81 3.43
C ASN A 60 12.69 -11.74 3.94
N LYS A 61 13.48 -12.79 3.73
CA LYS A 61 14.82 -12.79 4.27
C LYS A 61 15.74 -11.85 3.48
N ALA A 62 15.50 -11.70 2.18
CA ALA A 62 16.26 -10.71 1.43
C ALA A 62 15.95 -9.30 1.92
N THR A 63 14.67 -9.03 2.24
CA THR A 63 14.33 -7.74 2.82
C THR A 63 15.02 -7.55 4.17
N GLN A 64 15.04 -8.60 4.99
CA GLN A 64 15.72 -8.54 6.28
C GLN A 64 17.20 -8.24 6.12
N LEU A 65 17.85 -8.87 5.14
CA LEU A 65 19.27 -8.61 4.90
C LEU A 65 19.52 -7.19 4.40
N ALA A 66 18.63 -6.69 3.55
CA ALA A 66 18.74 -5.29 3.14
C ALA A 66 18.63 -4.37 4.34
N TRP A 67 17.72 -4.67 5.27
CA TRP A 67 17.54 -3.82 6.43
C TRP A 67 18.73 -3.89 7.37
N GLU A 68 19.29 -5.10 7.58
CA GLU A 68 20.48 -5.20 8.42
C GLU A 68 21.63 -4.43 7.81
N TRP A 69 21.76 -4.46 6.47
CA TRP A 69 22.84 -3.73 5.83
C TRP A 69 22.63 -2.23 5.97
N MET A 70 21.38 -1.77 5.89
CA MET A 70 21.09 -0.36 6.10
C MET A 70 21.50 0.07 7.51
N GLY A 71 21.08 -0.68 8.52
CA GLY A 71 21.44 -0.33 9.90
C GLY A 71 22.94 -0.38 10.13
N PHE A 72 23.60 -1.41 9.62
CA PHE A 72 25.05 -1.54 9.77
C PHE A 72 25.77 -0.40 9.07
N SER A 73 25.30 0.00 7.89
CA SER A 73 25.92 1.11 7.18
C SER A 73 25.76 2.41 7.95
N SER A 74 24.58 2.62 8.56
CA SER A 74 24.39 3.82 9.38
C SER A 74 25.34 3.84 10.57
N ASP A 75 25.46 2.71 11.28
CA ASP A 75 26.36 2.65 12.42
C ASP A 75 27.82 2.82 11.99
N TYR A 76 28.19 2.22 10.86
CA TYR A 76 29.56 2.36 10.38
C TYR A 76 29.86 3.79 9.96
N LYS A 77 28.87 4.48 9.39
CA LYS A 77 29.06 5.90 9.08
C LYS A 77 29.20 6.73 10.35
N ASP A 78 28.44 6.39 11.38
CA ASP A 78 28.59 7.08 12.66
C ASP A 78 30.00 6.89 13.22
N ASN A 79 30.51 5.66 13.15
CA ASN A 79 31.82 5.38 13.75
C ASN A 79 32.96 5.95 12.91
N HIS A 80 32.90 5.80 11.58
CA HIS A 80 34.02 6.13 10.71
C HIS A 80 33.80 7.37 9.85
N GLY A 81 32.57 7.86 9.73
CA GLY A 81 32.30 9.04 8.94
C GLY A 81 32.08 8.81 7.46
N GLU A 82 32.03 7.55 7.01
CA GLU A 82 31.84 7.25 5.60
C GLU A 82 31.05 5.96 5.44
N TYR A 83 30.51 5.77 4.24
CA TYR A 83 29.76 4.54 3.95
C TYR A 83 30.70 3.34 3.92
N PRO A 84 30.29 2.22 4.50
CA PRO A 84 31.07 0.98 4.34
C PRO A 84 30.79 0.34 2.99
N LYS A 85 31.86 -0.01 2.29
CA LYS A 85 31.72 -0.70 1.02
C LYS A 85 31.32 -2.15 1.26
N SER A 86 30.28 -2.59 0.56
CA SER A 86 29.78 -3.95 0.74
C SER A 86 30.78 -4.98 0.23
N LYS A 87 31.55 -4.62 -0.80
CA LYS A 87 32.52 -5.56 -1.37
C LYS A 87 33.58 -5.94 -0.34
N ASP A 88 33.98 -4.99 0.52
CA ASP A 88 35.00 -5.27 1.52
C ASP A 88 34.43 -6.07 2.67
N ILE A 89 33.18 -5.84 3.05
CA ILE A 89 32.58 -6.46 4.22
C ILE A 89 31.72 -7.66 3.84
N LEU A 90 30.73 -7.46 2.97
CA LEU A 90 29.84 -8.55 2.59
C LEU A 90 30.53 -9.54 1.67
N GLY A 91 31.51 -9.08 0.91
CA GLY A 91 32.14 -9.89 -0.11
C GLY A 91 31.51 -9.78 -1.49
N TYR A 92 30.38 -9.10 -1.59
CA TYR A 92 29.68 -8.89 -2.86
C TYR A 92 29.48 -7.40 -3.07
N THR A 93 29.59 -6.98 -4.32
CA THR A 93 29.49 -5.55 -4.63
C THR A 93 28.09 -5.01 -4.36
N ASN A 94 27.11 -5.91 -4.23
CA ASN A 94 25.71 -5.51 -4.07
C ASN A 94 25.12 -6.36 -2.96
N VAL A 95 24.04 -5.84 -2.35
CA VAL A 95 23.34 -6.57 -1.30
C VAL A 95 22.72 -7.84 -1.87
N HIS A 96 22.37 -7.83 -3.16
CA HIS A 96 21.67 -8.98 -3.74
C HIS A 96 22.58 -10.21 -3.80
N GLY A 97 23.87 -10.00 -4.07
CA GLY A 97 24.79 -11.13 -4.07
C GLY A 97 24.88 -11.80 -2.71
N TYR A 98 25.04 -11.00 -1.65
CA TYR A 98 25.08 -11.57 -0.31
C TYR A 98 23.77 -12.22 0.07
N ALA A 99 22.65 -11.62 -0.37
CA ALA A 99 21.35 -12.21 -0.09
C ALA A 99 21.21 -13.57 -0.76
N TYR A 100 21.62 -13.68 -2.03
CA TYR A 100 21.57 -14.97 -2.71
C TYR A 100 22.48 -15.98 -2.03
N HIS A 101 23.68 -15.55 -1.62
CA HIS A 101 24.60 -16.44 -0.94
C HIS A 101 23.99 -16.98 0.34
N THR A 102 23.28 -16.13 1.08
CA THR A 102 22.66 -16.57 2.33
C THR A 102 21.45 -17.45 2.08
N ILE A 103 20.70 -17.19 1.00
CA ILE A 103 19.43 -17.88 0.80
C ILE A 103 19.61 -19.21 0.10
N LYS A 104 20.68 -19.39 -0.68
CA LYS A 104 20.85 -20.62 -1.46
C LYS A 104 20.85 -21.85 -0.57
N THR A 105 21.23 -21.69 0.70
CA THR A 105 21.30 -22.84 1.60
C THR A 105 19.92 -23.35 1.98
N LYS A 106 18.97 -22.44 2.23
CA LYS A 106 17.64 -22.81 2.69
C LYS A 106 16.57 -22.72 1.61
N ALA A 107 16.89 -22.17 0.44
CA ALA A 107 16.01 -22.18 -0.71
C ALA A 107 16.62 -22.97 -1.87
N TYR A 108 17.19 -24.14 -1.55
CA TYR A 108 17.84 -24.95 -2.57
C TYR A 108 16.84 -25.55 -3.53
N ARG A 109 15.59 -25.76 -3.09
CA ARG A 109 14.59 -26.37 -3.96
C ARG A 109 14.27 -25.49 -5.16
N LEU A 110 14.17 -24.18 -4.94
CA LEU A 110 13.90 -23.25 -6.04
C LEU A 110 15.03 -23.29 -7.05
N ASN A 111 14.68 -23.19 -8.33
CA ASN A 111 15.68 -23.03 -9.37
C ASN A 111 16.49 -21.77 -9.11
N SER A 112 17.78 -21.83 -9.39
CA SER A 112 18.69 -20.75 -9.01
C SER A 112 18.34 -19.44 -9.71
N GLY A 113 17.93 -19.51 -10.98
CA GLY A 113 17.52 -18.29 -11.67
C GLY A 113 16.25 -17.69 -11.08
N ASN A 114 15.28 -18.53 -10.76
CA ASN A 114 14.06 -18.06 -10.12
C ASN A 114 14.36 -17.44 -8.76
N LEU A 115 15.23 -18.09 -7.98
CA LEU A 115 15.62 -17.55 -6.69
C LEU A 115 16.32 -16.21 -6.83
N SER A 116 17.23 -16.10 -7.80
CA SER A 116 17.96 -14.86 -8.01
C SER A 116 17.01 -13.74 -8.38
N GLN A 117 16.04 -14.00 -9.26
CA GLN A 117 15.10 -12.95 -9.66
C GLN A 117 14.17 -12.58 -8.51
N THR A 118 13.76 -13.55 -7.70
CA THR A 118 12.92 -13.24 -6.54
C THR A 118 13.66 -12.36 -5.54
N ILE A 119 14.91 -12.69 -5.26
CA ILE A 119 15.71 -11.88 -4.35
C ILE A 119 15.95 -10.50 -4.95
N LYS A 120 16.12 -10.43 -6.28
CA LYS A 120 16.24 -9.13 -6.93
C LYS A 120 14.98 -8.30 -6.73
N ARG A 121 13.81 -8.92 -6.86
CA ARG A 121 12.57 -8.21 -6.57
C ARG A 121 12.59 -7.62 -5.17
N ALA A 122 12.89 -8.44 -4.17
CA ALA A 122 12.85 -7.97 -2.79
C ALA A 122 13.86 -6.83 -2.55
N THR A 123 15.08 -6.99 -3.04
CA THR A 123 16.12 -6.00 -2.75
C THR A 123 15.89 -4.72 -3.54
N ASP A 124 15.38 -4.82 -4.77
CA ASP A 124 15.06 -3.61 -5.52
C ASP A 124 13.91 -2.85 -4.86
N ARG A 125 12.90 -3.57 -4.37
CA ARG A 125 11.81 -2.89 -3.67
C ARG A 125 12.32 -2.18 -2.44
N PHE A 126 13.21 -2.82 -1.66
CA PHE A 126 13.76 -2.17 -0.49
C PHE A 126 14.62 -0.97 -0.86
N LYS A 127 15.45 -1.10 -1.90
CA LYS A 127 16.39 -0.04 -2.24
C LYS A 127 15.69 1.18 -2.81
N ALA A 128 14.67 0.98 -3.65
CA ALA A 128 13.99 2.10 -4.27
C ALA A 128 13.26 2.94 -3.24
N TYR A 129 12.88 2.35 -2.11
CA TYR A 129 12.11 3.02 -1.08
C TYR A 129 12.87 3.18 0.22
N GLN A 130 14.20 3.28 0.15
CA GLN A 130 15.01 3.29 1.36
C GLN A 130 14.81 4.58 2.16
N LYS A 131 14.72 5.72 1.47
CA LYS A 131 14.56 7.00 2.17
C LYS A 131 13.23 7.06 2.91
N GLU A 132 12.16 6.57 2.30
CA GLU A 132 10.85 6.58 2.93
C GLU A 132 10.84 5.74 4.20
N ILE A 133 11.48 4.57 4.16
CA ILE A 133 11.56 3.73 5.36
C ILE A 133 12.44 4.38 6.40
N LEU A 134 13.52 5.03 5.96
CA LEU A 134 14.44 5.68 6.88
C LEU A 134 13.77 6.82 7.64
N ARG A 135 12.97 7.62 6.96
CA ARG A 135 12.27 8.73 7.61
C ARG A 135 10.90 8.36 8.11
N GLY A 136 10.53 7.08 8.11
CA GLY A 136 9.29 6.66 8.70
C GLY A 136 8.06 6.82 7.84
N ASP A 137 8.20 7.33 6.62
CA ASP A 137 7.06 7.47 5.73
C ASP A 137 6.47 6.12 5.39
N MET A 138 7.31 5.12 5.17
CA MET A 138 6.90 3.81 4.70
C MET A 138 7.40 2.72 5.63
N SER A 139 6.60 1.66 5.77
CA SER A 139 7.02 0.50 6.54
C SER A 139 7.93 -0.39 5.70
N ILE A 140 8.63 -1.29 6.37
CA ILE A 140 9.47 -2.26 5.67
C ILE A 140 8.57 -3.28 4.98
N PRO A 141 8.78 -3.58 3.70
CA PRO A 141 7.87 -4.47 2.99
C PRO A 141 7.81 -5.86 3.61
N SER A 142 6.61 -6.43 3.64
CA SER A 142 6.39 -7.79 4.10
C SER A 142 5.54 -8.54 3.07
N TYR A 143 5.92 -9.78 2.79
CA TYR A 143 5.36 -10.53 1.67
C TYR A 143 4.49 -11.67 2.19
N LYS A 144 3.44 -11.98 1.43
CA LYS A 144 2.40 -12.88 1.89
C LYS A 144 2.66 -14.32 1.43
N ARG A 145 1.85 -15.23 1.97
CA ARG A 145 2.04 -16.65 1.71
C ARG A 145 1.75 -17.01 0.25
N ASP A 146 0.57 -16.64 -0.25
CA ASP A 146 0.17 -17.00 -1.60
C ASP A 146 0.92 -16.10 -2.58
N ILE A 147 2.23 -16.31 -2.68
CA ILE A 147 3.09 -15.49 -3.52
C ILE A 147 3.27 -16.19 -4.86
N PRO A 148 3.19 -15.47 -5.98
CA PRO A 148 3.41 -16.11 -7.28
C PRO A 148 4.80 -16.71 -7.38
N LEU A 149 4.88 -17.85 -8.07
CA LEU A 149 6.16 -18.50 -8.35
C LEU A 149 6.80 -17.81 -9.53
N ASP A 150 7.92 -17.16 -9.30
CA ASP A 150 8.62 -16.45 -10.36
C ASP A 150 9.31 -17.43 -11.31
N LEU A 151 9.33 -17.08 -12.60
CA LEU A 151 10.03 -17.87 -13.61
C LEU A 151 10.68 -16.92 -14.60
N ILE A 152 12.00 -16.96 -14.69
CA ILE A 152 12.67 -16.10 -15.68
C ILE A 152 12.34 -16.58 -17.08
N LYS A 153 12.69 -15.74 -18.06
CA LYS A 153 12.33 -16.01 -19.45
C LYS A 153 12.93 -17.33 -19.94
N GLU A 154 14.15 -17.65 -19.49
CA GLU A 154 14.81 -18.86 -19.96
C GLU A 154 14.20 -20.11 -19.34
N ASN A 155 13.53 -19.96 -18.19
CA ASN A 155 13.01 -21.12 -17.48
C ASN A 155 11.66 -21.55 -18.03
N ILE A 156 11.14 -20.83 -19.03
CA ILE A 156 9.87 -21.20 -19.66
C ILE A 156 10.09 -21.38 -21.14
N SER A 157 9.59 -22.50 -21.67
CA SER A 157 9.52 -22.72 -23.11
C SER A 157 8.13 -23.26 -23.41
N VAL A 158 7.61 -22.97 -24.59
CA VAL A 158 6.29 -23.45 -25.02
C VAL A 158 6.42 -24.05 -26.41
N ASN A 159 5.82 -25.22 -26.60
CA ASN A 159 5.82 -25.89 -27.89
C ASN A 159 4.42 -26.41 -28.20
N ARG A 160 4.04 -26.30 -29.47
CA ARG A 160 2.74 -26.77 -29.93
C ARG A 160 2.90 -28.16 -30.54
N MET A 161 2.13 -29.12 -30.01
CA MET A 161 2.15 -30.47 -30.53
C MET A 161 1.38 -30.56 -31.84
N ASN A 162 1.60 -31.67 -32.56
CA ASN A 162 0.93 -31.86 -33.84
C ASN A 162 -0.57 -32.04 -33.67
N HIS A 163 -0.99 -32.62 -32.54
CA HIS A 163 -2.41 -32.85 -32.31
C HIS A 163 -3.09 -31.68 -31.62
N GLY A 164 -2.42 -30.53 -31.50
CA GLY A 164 -3.06 -29.30 -31.07
C GLY A 164 -2.79 -28.88 -29.64
N ASP A 165 -2.21 -29.74 -28.80
CA ASP A 165 -1.93 -29.36 -27.43
C ASP A 165 -0.74 -28.43 -27.34
N TYR A 166 -0.74 -27.59 -26.31
CA TYR A 166 0.38 -26.69 -26.02
C TYR A 166 1.05 -27.16 -24.73
N ILE A 167 2.36 -27.42 -24.83
CA ILE A 167 3.14 -27.94 -23.71
C ILE A 167 4.09 -26.85 -23.25
N ALA A 168 4.05 -26.53 -21.96
CA ALA A 168 4.97 -25.59 -21.34
C ALA A 168 6.00 -26.38 -20.54
N SER A 169 7.27 -26.18 -20.88
CA SER A 169 8.38 -26.78 -20.16
C SER A 169 8.97 -25.72 -19.23
N LEU A 170 8.94 -25.99 -17.94
CA LEU A 170 9.31 -25.04 -16.90
C LEU A 170 10.46 -25.61 -16.08
N SER A 171 11.48 -24.78 -15.85
CA SER A 171 12.56 -25.11 -14.92
C SER A 171 12.16 -24.61 -13.53
N LEU A 172 11.33 -25.41 -12.85
CA LEU A 172 10.83 -25.08 -11.53
C LEU A 172 11.72 -25.60 -10.41
N LEU A 173 12.72 -26.41 -10.71
CA LEU A 173 13.49 -27.11 -9.69
C LEU A 173 14.98 -26.96 -9.95
N SER A 174 15.75 -27.08 -8.88
CA SER A 174 17.20 -27.10 -8.97
C SER A 174 17.70 -28.54 -9.06
N ASN A 175 18.98 -28.70 -9.37
CA ASN A 175 19.56 -30.03 -9.49
C ASN A 175 19.39 -30.86 -8.22
N PRO A 176 19.69 -30.37 -7.01
CA PRO A 176 19.36 -31.15 -5.81
C PRO A 176 17.88 -31.48 -5.68
N ALA A 177 17.01 -30.54 -6.04
CA ALA A 177 15.58 -30.80 -5.94
C ALA A 177 15.13 -31.78 -7.02
N LYS A 178 15.73 -31.69 -8.22
CA LYS A 178 15.41 -32.65 -9.27
C LYS A 178 15.83 -34.05 -8.87
N GLN A 179 16.99 -34.18 -8.20
CA GLN A 179 17.41 -35.49 -7.71
C GLN A 179 16.52 -35.97 -6.58
N GLU A 180 16.06 -35.06 -5.71
CA GLU A 180 15.30 -35.47 -4.54
C GLU A 180 13.94 -36.04 -4.93
N MET A 181 13.18 -35.33 -5.77
CA MET A 181 11.88 -35.81 -6.22
C MET A 181 11.98 -36.69 -7.46
N ASN A 182 13.19 -36.95 -7.97
CA ASN A 182 13.41 -37.79 -9.13
C ASN A 182 12.70 -37.24 -10.37
N VAL A 183 12.90 -35.95 -10.62
CA VAL A 183 12.41 -35.29 -11.83
C VAL A 183 13.58 -35.22 -12.80
N LYS A 184 13.46 -35.94 -13.91
CA LYS A 184 14.60 -36.10 -14.81
C LYS A 184 14.93 -34.81 -15.54
N ARG A 185 13.91 -34.07 -15.99
CA ARG A 185 14.17 -32.93 -16.86
C ARG A 185 13.21 -31.81 -16.47
N LYS A 186 13.09 -30.76 -17.28
CA LYS A 186 12.16 -29.68 -17.00
C LYS A 186 10.74 -30.20 -16.86
N ILE A 187 10.01 -29.66 -15.89
CA ILE A 187 8.64 -30.12 -15.66
C ILE A 187 7.74 -29.64 -16.79
N SER A 188 6.98 -30.55 -17.38
CA SER A 188 6.13 -30.24 -18.52
C SER A 188 4.67 -30.24 -18.10
N VAL A 189 3.92 -29.23 -18.54
CA VAL A 189 2.50 -29.15 -18.25
C VAL A 189 1.77 -28.84 -19.55
N ILE A 190 0.49 -29.17 -19.59
CA ILE A 190 -0.37 -28.82 -20.71
C ILE A 190 -1.11 -27.53 -20.34
N ILE A 191 -1.04 -26.53 -21.22
CA ILE A 191 -1.66 -25.24 -20.98
C ILE A 191 -2.80 -25.06 -21.98
N ILE A 192 -3.96 -24.70 -21.47
CA ILE A 192 -5.12 -24.43 -22.32
C ILE A 192 -4.89 -23.10 -23.02
N VAL A 193 -4.66 -23.14 -24.33
CA VAL A 193 -4.36 -21.97 -25.13
C VAL A 193 -5.51 -21.77 -26.10
N ARG A 194 -6.36 -20.79 -25.81
CA ARG A 194 -7.59 -20.60 -26.57
C ARG A 194 -7.88 -19.11 -26.70
N GLY A 195 -8.73 -18.78 -27.67
CA GLY A 195 -9.21 -17.41 -27.82
C GLY A 195 -8.10 -16.42 -28.09
N ALA A 196 -8.17 -15.27 -27.42
CA ALA A 196 -7.12 -14.27 -27.54
C ALA A 196 -5.79 -14.81 -27.02
N GLY A 197 -5.86 -15.70 -26.03
CA GLY A 197 -4.66 -16.39 -25.59
C GLY A 197 -4.02 -17.19 -26.69
N LYS A 198 -4.84 -17.79 -27.57
CA LYS A 198 -4.29 -18.53 -28.69
C LYS A 198 -3.52 -17.61 -29.63
N THR A 199 -4.08 -16.43 -29.92
CA THR A 199 -3.41 -15.49 -30.81
C THR A 199 -2.09 -15.00 -30.20
N ILE A 200 -2.12 -14.69 -28.90
CA ILE A 200 -0.90 -14.22 -28.23
C ILE A 200 0.15 -15.33 -28.20
N MET A 201 -0.26 -16.56 -27.91
CA MET A 201 0.69 -17.67 -27.84
C MET A 201 1.26 -17.99 -29.22
N ASP A 202 0.45 -17.90 -30.26
CA ASP A 202 0.97 -18.10 -31.61
C ASP A 202 1.96 -17.01 -31.98
N ARG A 203 1.71 -15.77 -31.55
CA ARG A 203 2.68 -14.71 -31.78
C ARG A 203 3.96 -14.94 -30.98
N ILE A 204 3.82 -15.53 -29.78
CA ILE A 204 4.99 -15.87 -28.97
C ILE A 204 5.85 -16.92 -29.68
N LEU A 205 5.20 -17.99 -30.17
CA LEU A 205 5.92 -19.05 -30.84
C LEU A 205 6.52 -18.57 -32.16
N SER A 206 5.82 -17.68 -32.85
CA SER A 206 6.33 -17.15 -34.11
C SER A 206 7.56 -16.25 -33.88
N GLY A 207 7.76 -15.78 -32.66
CA GLY A 207 8.83 -14.85 -32.37
C GLY A 207 8.45 -13.39 -32.44
N GLU A 208 7.19 -13.08 -32.79
CA GLU A 208 6.75 -11.69 -32.80
C GLU A 208 6.70 -11.14 -31.37
N TYR A 209 6.23 -11.95 -30.43
CA TYR A 209 6.24 -11.60 -29.01
C TYR A 209 7.45 -12.24 -28.34
N GLN A 210 8.07 -11.52 -27.43
CA GLN A 210 9.16 -12.05 -26.61
C GLN A 210 8.66 -12.24 -25.18
N VAL A 211 8.96 -13.39 -24.60
CA VAL A 211 8.49 -13.68 -23.25
C VAL A 211 9.44 -13.08 -22.23
N SER A 212 8.89 -12.34 -21.28
CA SER A 212 9.64 -11.78 -20.18
C SER A 212 9.41 -12.62 -18.92
N ALA A 213 9.99 -12.17 -17.81
CA ALA A 213 9.83 -12.89 -16.55
C ALA A 213 8.35 -13.06 -16.23
N SER A 214 7.94 -14.31 -16.06
CA SER A 214 6.54 -14.68 -15.90
C SER A 214 6.33 -15.29 -14.53
N GLN A 215 5.11 -15.73 -14.27
CA GLN A 215 4.76 -16.24 -12.96
C GLN A 215 3.81 -17.42 -13.08
N ILE A 216 3.78 -18.22 -12.01
CA ILE A 216 2.74 -19.22 -11.80
C ILE A 216 1.94 -18.79 -10.58
N ILE A 217 0.65 -18.51 -10.78
CA ILE A 217 -0.23 -18.09 -9.71
C ILE A 217 -1.31 -19.14 -9.52
N HIS A 218 -2.06 -19.03 -8.43
CA HIS A 218 -3.14 -19.95 -8.12
C HIS A 218 -4.41 -19.17 -7.80
N ASP A 219 -5.40 -19.27 -8.67
CA ASP A 219 -6.73 -18.73 -8.41
C ASP A 219 -7.43 -19.68 -7.46
N ASP A 220 -7.74 -19.20 -6.25
CA ASP A 220 -8.31 -20.06 -5.22
C ASP A 220 -9.80 -20.29 -5.45
N ARG A 221 -10.47 -19.37 -6.16
CA ARG A 221 -11.89 -19.52 -6.39
C ARG A 221 -12.19 -20.74 -7.23
N LYS A 222 -11.50 -20.88 -8.36
CA LYS A 222 -11.66 -22.03 -9.24
C LYS A 222 -10.64 -23.12 -8.96
N ASN A 223 -9.74 -22.90 -8.00
CA ASN A 223 -8.66 -23.84 -7.69
C ASN A 223 -7.85 -24.16 -8.94
N LYS A 224 -7.50 -23.11 -9.70
CA LYS A 224 -6.83 -23.28 -10.98
C LYS A 224 -5.45 -22.64 -10.93
N TRP A 225 -4.45 -23.39 -11.38
CA TRP A 225 -3.10 -22.86 -11.50
C TRP A 225 -2.94 -22.23 -12.88
N TYR A 226 -2.42 -21.01 -12.91
CA TYR A 226 -2.26 -20.26 -14.15
C TYR A 226 -0.80 -19.93 -14.35
N LEU A 227 -0.37 -19.98 -15.60
CA LEU A 227 0.91 -19.42 -16.02
C LEU A 227 0.61 -18.03 -16.58
N ASN A 228 0.90 -16.99 -15.78
CA ASN A 228 0.87 -15.62 -16.25
C ASN A 228 2.15 -15.37 -17.03
N ILE A 229 2.03 -15.47 -18.36
CA ILE A 229 3.14 -15.16 -19.24
C ILE A 229 3.15 -13.65 -19.48
N SER A 230 4.25 -13.01 -19.13
CA SER A 230 4.46 -11.60 -19.42
C SER A 230 5.28 -11.50 -20.70
N TYR A 231 4.72 -10.83 -21.69
CA TYR A 231 5.34 -10.70 -23.00
C TYR A 231 5.54 -9.24 -23.32
N ASP A 232 6.70 -8.91 -23.87
CA ASP A 232 6.96 -7.56 -24.35
C ASP A 232 6.84 -7.54 -25.87
N PHE A 233 6.45 -6.38 -26.41
CA PHE A 233 6.24 -6.23 -27.84
C PHE A 233 6.31 -4.77 -28.24
N GLU A 234 6.59 -4.53 -29.51
CA GLU A 234 6.56 -3.17 -30.04
C GLU A 234 5.15 -2.85 -30.51
N PRO A 235 4.49 -1.82 -29.96
CA PRO A 235 3.14 -1.42 -30.35
C PRO A 235 3.10 -0.70 -31.69
N ASN A 243 -2.79 17.30 -32.12
CA ASN A 243 -3.76 18.21 -32.70
C ASN A 243 -5.14 18.00 -32.09
N LYS A 244 -5.91 17.06 -32.65
CA LYS A 244 -7.24 16.78 -32.13
C LYS A 244 -7.15 16.16 -30.75
N ILE A 245 -8.07 16.54 -29.87
CA ILE A 245 -8.04 16.14 -28.47
C ILE A 245 -9.43 15.71 -28.04
N MET A 246 -9.52 14.56 -27.38
CA MET A 246 -10.75 14.10 -26.74
C MET A 246 -10.84 14.67 -25.33
N GLY A 247 -12.05 14.87 -24.85
CA GLY A 247 -12.29 15.26 -23.47
C GLY A 247 -13.28 14.31 -22.83
N ILE A 248 -12.85 13.69 -21.73
CA ILE A 248 -13.63 12.71 -20.99
C ILE A 248 -14.09 13.36 -19.70
N ALA A 249 -15.39 13.27 -19.42
CA ALA A 249 -15.98 13.84 -18.21
C ALA A 249 -16.73 12.75 -17.47
N LEU A 250 -16.38 12.54 -16.21
CA LEU A 250 -17.12 11.63 -15.35
C LEU A 250 -18.40 12.34 -14.94
N GLY A 251 -19.46 12.11 -15.72
CA GLY A 251 -20.66 12.90 -15.58
C GLY A 251 -21.43 12.57 -14.32
N VAL A 252 -22.51 13.32 -14.10
CA VAL A 252 -23.33 13.13 -12.91
C VAL A 252 -24.52 12.23 -13.22
N ALA A 253 -25.12 12.40 -14.40
CA ALA A 253 -26.23 11.54 -14.80
C ALA A 253 -25.75 10.42 -15.73
N VAL A 254 -24.65 10.66 -16.45
CA VAL A 254 -24.04 9.67 -17.32
C VAL A 254 -22.71 9.26 -16.68
N ALA A 255 -22.44 7.95 -16.68
CA ALA A 255 -21.25 7.46 -16.00
C ALA A 255 -19.98 8.06 -16.58
N VAL A 256 -19.85 8.06 -17.91
CA VAL A 256 -18.70 8.65 -18.59
C VAL A 256 -19.24 9.36 -19.83
N TYR A 257 -18.63 10.47 -20.22
CA TYR A 257 -19.08 11.17 -21.40
C TYR A 257 -17.87 11.65 -22.19
N MET A 258 -17.90 11.49 -23.52
CA MET A 258 -16.80 11.88 -24.39
C MET A 258 -17.26 12.97 -25.36
N ALA A 259 -16.51 14.08 -25.39
CA ALA A 259 -16.75 15.14 -26.34
C ALA A 259 -15.45 15.52 -27.03
N PHE A 260 -15.51 15.80 -28.32
CA PHE A 260 -14.32 15.99 -29.15
C PHE A 260 -14.24 17.44 -29.59
N GLN A 261 -13.01 17.93 -29.75
CA GLN A 261 -12.80 19.25 -30.37
C GLN A 261 -12.73 19.10 -31.88
N HIS A 262 -13.11 20.15 -32.58
CA HIS A 262 -13.15 20.27 -34.04
C HIS A 262 -14.27 19.43 -34.64
N THR A 263 -15.08 18.76 -33.83
CA THR A 263 -16.17 17.92 -34.30
C THR A 263 -17.27 17.91 -33.27
N PRO A 264 -18.53 18.05 -33.69
CA PRO A 264 -19.65 17.95 -32.76
C PRO A 264 -20.01 16.53 -32.35
N ALA A 265 -19.14 15.55 -32.62
CA ALA A 265 -19.43 14.16 -32.27
C ALA A 265 -19.53 14.00 -30.76
N ARG A 266 -20.50 13.20 -30.34
CA ARG A 266 -20.81 12.98 -28.94
C ARG A 266 -20.79 11.49 -28.66
N TYR A 267 -20.25 11.09 -27.50
CA TYR A 267 -20.31 9.70 -27.08
C TYR A 267 -20.56 9.66 -25.58
N LYS A 268 -21.12 8.55 -25.09
CA LYS A 268 -21.37 8.45 -23.66
C LYS A 268 -21.48 7.00 -23.22
N LEU A 269 -21.26 6.79 -21.94
CA LEU A 269 -21.41 5.50 -21.28
C LEU A 269 -22.34 5.68 -20.09
N GLU A 270 -23.55 5.15 -20.21
CA GLU A 270 -24.49 5.11 -19.11
C GLU A 270 -24.15 3.96 -18.17
N GLY A 271 -24.80 3.94 -17.01
CA GLY A 271 -24.49 2.94 -16.01
C GLY A 271 -25.68 2.15 -15.51
N GLY A 272 -26.58 1.74 -16.40
CA GLY A 272 -27.69 0.91 -15.98
C GLY A 272 -27.22 -0.41 -15.38
N GLU A 273 -26.22 -1.03 -16.01
CA GLU A 273 -25.64 -2.24 -15.44
C GLU A 273 -25.00 -1.93 -14.09
N ILE A 274 -24.30 -0.79 -13.99
CA ILE A 274 -23.62 -0.41 -12.72
C ILE A 274 -24.68 -0.22 -11.62
N GLU A 275 -25.70 0.59 -11.88
CA GLU A 275 -26.71 0.88 -10.82
C GLU A 275 -27.43 -0.42 -10.42
N ASN A 276 -27.80 -1.27 -11.38
CA ASN A 276 -28.48 -2.56 -11.07
C ASN A 276 -27.55 -3.43 -10.23
N PHE A 277 -26.30 -3.61 -10.68
CA PHE A 277 -25.31 -4.43 -9.93
C PHE A 277 -25.12 -3.81 -8.54
N ARG A 278 -24.98 -2.48 -8.48
CA ARG A 278 -24.75 -1.78 -7.19
C ARG A 278 -25.89 -2.11 -6.22
N ARG A 279 -27.14 -1.99 -6.67
CA ARG A 279 -28.30 -2.27 -5.80
C ARG A 279 -28.22 -3.72 -5.31
N GLN A 280 -27.95 -4.68 -6.21
CA GLN A 280 -27.91 -6.11 -5.82
C GLN A 280 -26.82 -6.35 -4.78
N VAL A 281 -25.60 -5.87 -5.03
CA VAL A 281 -24.46 -6.17 -4.10
C VAL A 281 -24.64 -5.38 -2.80
N GLU A 282 -25.27 -4.21 -2.84
CA GLU A 282 -25.57 -3.48 -1.58
C GLU A 282 -26.50 -4.33 -0.73
N SER A 283 -27.60 -4.81 -1.34
CA SER A 283 -28.59 -5.66 -0.61
C SER A 283 -27.89 -6.90 -0.06
N ARG A 284 -26.95 -7.47 -0.82
CA ARG A 284 -26.30 -8.70 -0.38
C ARG A 284 -25.33 -8.43 0.76
N ARG A 285 -24.58 -7.33 0.70
CA ARG A 285 -23.68 -7.01 1.82
C ARG A 285 -24.47 -6.76 3.09
N ILE A 286 -25.58 -6.02 2.99
CA ILE A 286 -26.38 -5.74 4.18
C ILE A 286 -26.90 -7.05 4.78
N SER A 287 -27.41 -7.95 3.93
CA SER A 287 -27.92 -9.22 4.43
C SER A 287 -26.82 -10.06 5.07
N MET A 288 -25.66 -10.15 4.41
CA MET A 288 -24.55 -10.94 4.94
C MET A 288 -24.07 -10.39 6.27
N LEU A 289 -23.91 -9.07 6.37
CA LEU A 289 -23.43 -8.47 7.60
C LEU A 289 -24.44 -8.62 8.73
N ARG A 290 -25.73 -8.54 8.42
CA ARG A 290 -26.73 -8.78 9.44
C ARG A 290 -26.71 -10.23 9.91
N GLN A 291 -26.53 -11.17 8.98
CA GLN A 291 -26.55 -12.59 9.36
C GLN A 291 -25.28 -12.99 10.10
N GLY A 292 -24.17 -12.28 9.84
CA GLY A 292 -22.92 -12.63 10.49
C GLY A 292 -22.96 -12.48 12.00
N LYS A 293 -23.82 -11.58 12.49
CA LYS A 293 -23.94 -11.39 13.94
C LYS A 293 -24.71 -12.54 14.58
N TYR A 294 -25.61 -13.17 13.83
CA TYR A 294 -26.31 -14.34 14.33
C TYR A 294 -25.34 -15.50 14.51
N ALA A 295 -25.57 -16.30 15.55
CA ALA A 295 -24.64 -17.35 15.94
C ALA A 295 -24.58 -18.45 14.88
N GLY A 296 -23.36 -18.90 14.59
CA GLY A 296 -23.14 -20.01 13.68
C GLY A 296 -22.11 -20.98 14.23
N GLY A 297 -22.41 -22.28 14.19
CA GLY A 297 -21.50 -23.25 14.77
C GLY A 297 -20.19 -23.38 14.01
N ALA A 298 -20.25 -23.97 12.82
CA ALA A 298 -19.01 -24.25 12.07
C ALA A 298 -18.35 -22.95 11.60
N ARG A 299 -19.15 -21.96 11.21
CA ARG A 299 -18.58 -20.68 10.81
C ARG A 299 -17.89 -20.00 11.98
N GLY A 300 -18.53 -19.99 13.15
CA GLY A 300 -17.96 -19.27 14.29
C GLY A 300 -16.86 -20.03 14.98
N GLY A 301 -16.74 -21.33 14.69
CA GLY A 301 -15.72 -22.13 15.33
C GLY A 301 -14.31 -21.62 15.06
N HIS A 302 -14.04 -21.24 13.82
CA HIS A 302 -12.73 -20.74 13.42
C HIS A 302 -12.75 -19.21 13.44
N GLY A 303 -11.73 -18.63 14.06
CA GLY A 303 -11.75 -17.18 14.28
C GLY A 303 -11.67 -16.37 13.01
N ARG A 304 -10.76 -16.72 12.10
CA ARG A 304 -10.55 -15.97 10.88
C ARG A 304 -10.43 -16.91 9.70
N ASP A 305 -10.78 -16.40 8.51
CA ASP A 305 -11.05 -17.10 7.26
C ASP A 305 -12.38 -17.84 7.34
N LYS A 306 -13.02 -17.89 8.50
CA LYS A 306 -14.40 -18.31 8.68
C LYS A 306 -15.08 -17.18 9.42
N ARG A 307 -16.32 -16.88 9.03
CA ARG A 307 -17.05 -15.62 9.23
C ARG A 307 -16.60 -14.58 8.22
N ILE A 308 -15.67 -14.91 7.33
CA ILE A 308 -15.11 -13.96 6.38
C ILE A 308 -15.20 -14.45 4.94
N LYS A 309 -15.25 -15.76 4.70
CA LYS A 309 -15.31 -16.29 3.35
C LYS A 309 -16.51 -15.80 2.54
N PRO A 310 -17.76 -15.87 3.04
CA PRO A 310 -18.88 -15.38 2.22
C PRO A 310 -18.76 -13.92 1.83
N ILE A 311 -18.24 -13.08 2.73
CA ILE A 311 -18.08 -11.67 2.40
C ILE A 311 -16.96 -11.48 1.38
N GLU A 312 -15.88 -12.25 1.52
CA GLU A 312 -14.78 -12.16 0.56
C GLU A 312 -15.23 -12.58 -0.83
N GLN A 313 -16.10 -13.59 -0.92
CA GLN A 313 -16.59 -14.03 -2.22
C GLN A 313 -17.29 -12.89 -2.95
N LEU A 314 -18.25 -12.24 -2.27
CA LEU A 314 -19.00 -11.17 -2.90
C LEU A 314 -18.12 -9.96 -3.17
N ARG A 315 -17.17 -9.67 -2.27
CA ARG A 315 -16.25 -8.57 -2.52
C ARG A 315 -15.41 -8.82 -3.76
N ASP A 316 -14.89 -10.04 -3.93
CA ASP A 316 -14.12 -10.37 -5.11
C ASP A 316 -14.99 -10.31 -6.37
N LYS A 317 -16.26 -10.70 -6.25
CA LYS A 317 -17.16 -10.55 -7.39
C LYS A 317 -17.32 -9.08 -7.78
N ILE A 318 -17.48 -8.20 -6.80
CA ILE A 318 -17.61 -6.77 -7.09
C ILE A 318 -16.32 -6.24 -7.73
N ALA A 319 -15.17 -6.66 -7.20
CA ALA A 319 -13.90 -6.21 -7.75
C ALA A 319 -13.73 -6.66 -9.20
N ASN A 320 -14.09 -7.91 -9.49
CA ASN A 320 -13.99 -8.42 -10.85
C ASN A 320 -14.94 -7.69 -11.78
N PHE A 321 -16.15 -7.41 -11.33
CA PHE A 321 -17.10 -6.67 -12.16
C PHE A 321 -16.58 -5.26 -12.46
N ARG A 322 -16.03 -4.58 -11.45
CA ARG A 322 -15.48 -3.25 -11.68
C ARG A 322 -14.31 -3.31 -12.64
N ASP A 323 -13.46 -4.34 -12.52
CA ASP A 323 -12.34 -4.51 -13.43
C ASP A 323 -12.81 -4.70 -14.87
N THR A 324 -13.80 -5.57 -15.07
CA THR A 324 -14.33 -5.83 -16.41
C THR A 324 -15.00 -4.59 -16.99
N THR A 325 -15.77 -3.87 -16.16
CA THR A 325 -16.43 -2.67 -16.63
C THR A 325 -15.42 -1.60 -17.01
N ASN A 326 -14.33 -1.49 -16.25
CA ASN A 326 -13.28 -0.53 -16.60
C ASN A 326 -12.58 -0.93 -17.88
N HIS A 327 -12.38 -2.23 -18.11
CA HIS A 327 -11.87 -2.68 -19.41
C HIS A 327 -12.79 -2.26 -20.55
N ARG A 328 -14.10 -2.55 -20.43
CA ARG A 328 -15.03 -2.18 -21.49
C ARG A 328 -15.02 -0.67 -21.73
N TYR A 329 -15.03 0.12 -20.65
CA TYR A 329 -15.10 1.57 -20.79
C TYR A 329 -13.84 2.12 -21.46
N SER A 330 -12.66 1.70 -20.98
CA SER A 330 -11.43 2.19 -21.59
C SER A 330 -11.29 1.73 -23.03
N ARG A 331 -11.75 0.52 -23.34
CA ARG A 331 -11.74 0.06 -24.73
C ARG A 331 -12.63 0.92 -25.60
N TYR A 332 -13.84 1.23 -25.13
CA TYR A 332 -14.75 2.07 -25.90
C TYR A 332 -14.15 3.46 -26.13
N ILE A 333 -13.55 4.03 -25.08
CA ILE A 333 -12.97 5.37 -25.18
C ILE A 333 -11.86 5.40 -26.20
N VAL A 334 -10.92 4.45 -26.11
CA VAL A 334 -9.80 4.45 -27.06
C VAL A 334 -10.31 4.13 -28.47
N ASP A 335 -11.31 3.26 -28.59
CA ASP A 335 -11.85 2.93 -29.90
C ASP A 335 -12.40 4.17 -30.59
N MET A 336 -13.16 4.98 -29.87
CA MET A 336 -13.64 6.23 -30.45
C MET A 336 -12.52 7.22 -30.70
N ALA A 337 -11.45 7.15 -29.89
CA ALA A 337 -10.29 7.99 -30.15
C ALA A 337 -9.67 7.69 -31.50
N ILE A 338 -9.47 6.42 -31.83
CA ILE A 338 -9.01 6.08 -33.19
C ILE A 338 -10.10 6.38 -34.22
N LYS A 339 -11.37 6.22 -33.84
CA LYS A 339 -12.46 6.44 -34.79
C LYS A 339 -12.44 7.87 -35.32
N GLU A 340 -12.25 8.84 -34.44
CA GLU A 340 -12.20 10.23 -34.87
C GLU A 340 -10.79 10.79 -34.95
N GLY A 341 -9.77 9.93 -34.92
CA GLY A 341 -8.41 10.39 -35.15
C GLY A 341 -7.83 11.27 -34.06
N CYS A 342 -8.44 11.27 -32.87
CA CYS A 342 -7.93 12.09 -31.78
C CYS A 342 -6.60 11.55 -31.30
N GLY A 343 -5.52 12.28 -31.59
CA GLY A 343 -4.19 11.86 -31.20
C GLY A 343 -3.79 12.22 -29.79
N THR A 344 -4.70 12.81 -29.02
CA THR A 344 -4.44 13.16 -27.63
C THR A 344 -5.74 13.03 -26.85
N ILE A 345 -5.63 12.57 -25.61
CA ILE A 345 -6.79 12.38 -24.74
C ILE A 345 -6.55 13.17 -23.46
N GLN A 346 -7.51 14.02 -23.10
CA GLN A 346 -7.45 14.79 -21.87
C GLN A 346 -8.55 14.31 -20.93
N MET A 347 -8.24 14.24 -19.64
CA MET A 347 -9.15 13.76 -18.63
C MET A 347 -8.82 14.40 -17.29
N GLU A 348 -9.80 14.40 -16.39
CA GLU A 348 -9.67 15.12 -15.13
C GLU A 348 -8.68 14.42 -14.19
N ASP A 349 -7.78 15.21 -13.60
CA ASP A 349 -6.90 14.63 -12.55
C ASP A 349 -7.79 14.39 -11.33
N LEU A 350 -8.04 13.14 -10.97
CA LEU A 350 -9.01 12.84 -9.88
C LEU A 350 -8.46 13.20 -8.49
N THR A 351 -7.17 13.53 -8.38
CA THR A 351 -6.57 13.81 -7.05
C THR A 351 -7.42 14.87 -6.33
N ASN A 352 -7.91 15.88 -7.06
CA ASN A 352 -8.78 16.93 -6.45
C ASN A 352 -10.24 16.48 -6.43
N ILE A 353 -10.68 15.72 -7.44
CA ILE A 353 -12.11 15.26 -7.53
C ILE A 353 -12.46 14.43 -6.29
N ARG A 354 -11.50 13.66 -5.76
CA ARG A 354 -11.76 12.78 -4.58
C ARG A 354 -12.49 13.54 -3.48
N ASP A 355 -12.24 14.85 -3.35
CA ASP A 355 -12.88 15.69 -2.30
C ASP A 355 -14.40 15.68 -2.48
N ILE A 356 -14.90 15.92 -3.70
CA ILE A 356 -16.37 16.02 -3.92
C ILE A 356 -16.98 14.60 -4.05
N GLY A 357 -16.37 13.71 -4.84
CA GLY A 357 -16.82 12.32 -4.96
C GLY A 357 -18.30 12.14 -5.23
N SER A 358 -18.93 13.15 -5.85
CA SER A 358 -20.36 13.10 -6.13
C SER A 358 -20.53 12.95 -7.65
N ARG A 359 -20.51 11.70 -8.11
CA ARG A 359 -20.61 11.38 -9.52
C ARG A 359 -21.65 10.28 -9.69
N PHE A 360 -21.95 9.95 -10.96
CA PHE A 360 -22.90 8.84 -11.23
C PHE A 360 -22.32 7.56 -10.64
N LEU A 361 -21.03 7.31 -10.90
CA LEU A 361 -20.36 6.14 -10.28
C LEU A 361 -20.04 6.52 -8.83
N GLN A 362 -20.60 5.79 -7.86
CA GLN A 362 -20.31 6.08 -6.43
C GLN A 362 -19.19 5.16 -5.95
N ASN A 363 -18.09 5.74 -5.43
CA ASN A 363 -16.96 4.94 -4.88
C ASN A 363 -16.38 4.03 -5.96
N TRP A 364 -16.29 4.51 -7.20
CA TRP A 364 -15.77 3.72 -8.30
C TRP A 364 -14.24 3.66 -8.24
N THR A 365 -13.68 2.67 -8.93
CA THR A 365 -12.24 2.51 -9.02
C THR A 365 -11.70 3.40 -10.14
N TYR A 366 -11.69 4.70 -9.85
CA TYR A 366 -11.29 5.68 -10.86
C TYR A 366 -9.83 5.51 -11.26
N TYR A 367 -8.97 5.17 -10.29
CA TYR A 367 -7.56 4.96 -10.62
C TYR A 367 -7.38 3.80 -11.60
N ASP A 368 -8.12 2.71 -11.38
CA ASP A 368 -8.09 1.58 -12.30
C ASP A 368 -8.53 1.98 -13.70
N LEU A 369 -9.66 2.68 -13.81
CA LEU A 369 -10.17 3.10 -15.10
C LEU A 369 -9.18 4.03 -15.81
N GLN A 370 -8.60 4.96 -15.05
CA GLN A 370 -7.65 5.90 -15.64
C GLN A 370 -6.40 5.19 -16.13
N GLN A 371 -5.89 4.23 -15.35
CA GLN A 371 -4.71 3.47 -15.78
C GLN A 371 -5.01 2.64 -17.02
N LYS A 372 -6.20 2.04 -17.07
CA LYS A 372 -6.59 1.31 -18.26
C LYS A 372 -6.64 2.21 -19.48
N ILE A 373 -7.29 3.36 -19.36
CA ILE A 373 -7.33 4.32 -20.47
C ILE A 373 -5.92 4.68 -20.90
N ILE A 374 -5.03 4.92 -19.93
CA ILE A 374 -3.67 5.35 -20.25
C ILE A 374 -2.94 4.27 -21.05
N TYR A 375 -2.94 3.02 -20.57
CA TYR A 375 -2.10 2.04 -21.26
C TYR A 375 -2.72 1.61 -22.58
N LYS A 376 -4.06 1.57 -22.65
CA LYS A 376 -4.70 1.22 -23.92
C LYS A 376 -4.48 2.31 -24.96
N ALA A 377 -4.56 3.57 -24.56
CA ALA A 377 -4.24 4.66 -25.49
C ALA A 377 -2.78 4.60 -25.91
N GLU A 378 -1.88 4.29 -24.99
CA GLU A 378 -0.46 4.21 -25.34
C GLU A 378 -0.20 3.07 -26.30
N GLU A 379 -0.92 1.96 -26.17
CA GLU A 379 -0.92 0.93 -27.21
C GLU A 379 -1.39 1.52 -28.53
N ALA A 380 -2.50 2.27 -28.51
CA ALA A 380 -3.02 2.86 -29.73
C ALA A 380 -2.12 3.95 -30.29
N GLY A 381 -1.18 4.46 -29.49
CA GLY A 381 -0.33 5.54 -29.93
C GLY A 381 -0.82 6.93 -29.59
N ILE A 382 -1.71 7.05 -28.60
CA ILE A 382 -2.36 8.31 -28.29
C ILE A 382 -1.82 8.83 -26.95
N LYS A 383 -1.36 10.07 -26.94
CA LYS A 383 -0.89 10.69 -25.72
C LYS A 383 -2.06 10.97 -24.79
N VAL A 384 -1.85 10.73 -23.50
CA VAL A 384 -2.86 11.01 -22.47
C VAL A 384 -2.33 12.10 -21.57
N ILE A 385 -3.15 13.13 -21.33
CA ILE A 385 -2.79 14.27 -20.52
C ILE A 385 -3.88 14.50 -19.49
N LYS A 386 -3.48 14.65 -18.23
CA LYS A 386 -4.43 14.89 -17.15
C LYS A 386 -4.44 16.37 -16.80
N ILE A 387 -5.63 16.92 -16.64
CA ILE A 387 -5.82 18.35 -16.37
C ILE A 387 -6.51 18.50 -15.03
N ASP A 388 -6.38 19.68 -14.45
CA ASP A 388 -7.06 19.97 -13.20
C ASP A 388 -8.56 20.12 -13.44
N PRO A 389 -9.41 19.54 -12.60
CA PRO A 389 -10.87 19.72 -12.75
C PRO A 389 -11.32 21.05 -12.15
N GLN A 390 -10.70 22.12 -12.61
CA GLN A 390 -10.90 23.45 -12.04
C GLN A 390 -12.04 24.14 -12.79
N TYR A 391 -13.24 24.07 -12.22
CA TYR A 391 -14.42 24.75 -12.77
C TYR A 391 -14.64 24.39 -14.24
N THR A 392 -14.42 23.13 -14.58
CA THR A 392 -14.68 22.68 -15.94
C THR A 392 -16.18 22.55 -16.20
N SER A 393 -16.93 22.16 -15.17
CA SER A 393 -18.39 22.06 -15.32
C SER A 393 -19.04 23.44 -15.29
N GLN A 394 -18.52 24.34 -14.46
CA GLN A 394 -19.11 25.68 -14.36
C GLN A 394 -18.83 26.50 -15.61
N ARG A 395 -17.63 26.39 -16.16
CA ARG A 395 -17.27 27.16 -17.34
C ARG A 395 -18.13 26.75 -18.54
N CYS A 396 -18.40 27.72 -19.41
CA CYS A 396 -19.07 27.45 -20.67
C CYS A 396 -18.03 27.22 -21.76
N SER A 397 -18.20 26.14 -22.52
CA SER A 397 -17.22 25.80 -23.54
C SER A 397 -17.36 26.69 -24.77
N GLU A 398 -18.51 27.35 -24.93
CA GLU A 398 -18.72 28.19 -26.10
C GLU A 398 -18.22 29.60 -25.87
N CYS A 399 -18.78 30.29 -24.88
CA CYS A 399 -18.47 31.69 -24.64
C CYS A 399 -17.35 31.89 -23.63
N GLY A 400 -16.84 30.82 -23.03
CA GLY A 400 -15.74 30.95 -22.09
C GLY A 400 -16.07 31.77 -20.85
N ASN A 401 -17.25 31.56 -20.28
CA ASN A 401 -17.71 32.31 -19.13
C ASN A 401 -17.82 31.38 -17.93
N ILE A 402 -17.15 31.74 -16.84
CA ILE A 402 -17.14 30.94 -15.62
C ILE A 402 -18.06 31.60 -14.60
N ASP A 403 -19.09 30.89 -14.17
CA ASP A 403 -19.99 31.35 -13.13
C ASP A 403 -20.29 30.20 -12.18
N SER A 404 -20.23 30.47 -10.88
CA SER A 404 -20.56 29.47 -9.89
C SER A 404 -22.02 29.03 -10.03
N GLY A 405 -22.92 29.99 -10.25
CA GLY A 405 -24.32 29.73 -10.43
C GLY A 405 -24.75 29.46 -11.86
N ASN A 406 -23.80 29.26 -12.76
CA ASN A 406 -24.13 29.00 -14.16
C ASN A 406 -24.91 27.70 -14.30
N ARG A 407 -24.51 26.67 -13.56
CA ARG A 407 -25.21 25.40 -13.61
C ARG A 407 -26.62 25.53 -13.02
N ILE A 408 -27.62 25.17 -13.82
CA ILE A 408 -29.02 25.26 -13.42
C ILE A 408 -29.62 23.86 -13.53
N GLY A 409 -30.11 23.34 -12.41
CA GLY A 409 -30.65 22.00 -12.38
C GLY A 409 -29.57 20.96 -12.22
N GLN A 410 -30.02 19.72 -11.97
CA GLN A 410 -29.11 18.61 -11.77
C GLN A 410 -28.63 17.99 -13.08
N ALA A 411 -29.28 18.29 -14.20
CA ALA A 411 -28.97 17.67 -15.48
C ALA A 411 -28.54 18.67 -16.54
N ILE A 412 -29.33 19.72 -16.75
CA ILE A 412 -29.07 20.66 -17.84
C ILE A 412 -28.06 21.72 -17.39
N PHE A 413 -27.54 22.45 -18.36
CA PHE A 413 -26.63 23.57 -18.14
C PHE A 413 -27.00 24.68 -19.10
N LYS A 414 -27.26 25.87 -18.55
CA LYS A 414 -27.69 27.03 -19.30
C LYS A 414 -26.74 28.18 -19.03
N CYS A 415 -26.17 28.73 -20.09
CA CYS A 415 -25.22 29.85 -20.00
C CYS A 415 -25.95 31.14 -20.36
N ARG A 416 -25.86 32.12 -19.47
CA ARG A 416 -26.58 33.38 -19.65
C ARG A 416 -25.88 34.27 -20.68
N ALA A 417 -24.54 34.26 -20.68
CA ALA A 417 -23.79 35.19 -21.52
C ALA A 417 -24.07 34.98 -23.00
N CYS A 418 -24.44 33.75 -23.37
CA CYS A 418 -24.85 33.45 -24.74
C CYS A 418 -26.09 32.55 -24.78
N GLY A 419 -26.68 32.27 -23.62
CA GLY A 419 -27.87 31.44 -23.59
C GLY A 419 -27.65 30.05 -24.15
N TYR A 420 -26.57 29.39 -23.75
CA TYR A 420 -26.19 28.10 -24.30
C TYR A 420 -26.83 27.00 -23.47
N GLU A 421 -27.62 26.15 -24.13
CA GLU A 421 -28.36 25.08 -23.46
C GLU A 421 -27.77 23.74 -23.88
N ALA A 422 -27.20 23.01 -22.92
CA ALA A 422 -26.62 21.72 -23.23
C ALA A 422 -26.58 20.87 -21.96
N ASN A 423 -26.43 19.56 -22.16
CA ASN A 423 -26.25 18.67 -21.02
C ASN A 423 -24.96 19.02 -20.29
N ALA A 424 -25.01 18.96 -18.96
CA ALA A 424 -23.87 19.37 -18.15
C ALA A 424 -22.63 18.55 -18.48
N ASP A 425 -22.81 17.24 -18.68
CA ASP A 425 -21.69 16.39 -19.03
C ASP A 425 -21.07 16.79 -20.36
N TYR A 426 -21.91 17.16 -21.33
CA TYR A 426 -21.39 17.59 -22.62
C TYR A 426 -20.53 18.84 -22.50
N ASN A 427 -21.01 19.83 -21.75
CA ASN A 427 -20.23 21.06 -21.59
C ASN A 427 -18.94 20.79 -20.82
N ALA A 428 -19.01 19.96 -19.78
CA ALA A 428 -17.81 19.63 -19.03
C ALA A 428 -16.76 18.94 -19.91
N ALA A 429 -17.20 17.96 -20.70
CA ALA A 429 -16.26 17.25 -21.57
C ALA A 429 -15.73 18.16 -22.67
N ARG A 430 -16.56 19.07 -23.17
CA ARG A 430 -16.10 20.04 -24.16
C ARG A 430 -15.03 20.95 -23.59
N ASN A 431 -15.22 21.40 -22.35
CA ASN A 431 -14.17 22.18 -21.68
C ASN A 431 -12.90 21.35 -21.53
N ILE A 432 -13.04 20.09 -21.12
CA ILE A 432 -11.87 19.24 -20.90
C ILE A 432 -11.11 19.02 -22.21
N ALA A 433 -11.82 18.93 -23.33
CA ALA A 433 -11.17 18.70 -24.61
C ALA A 433 -10.36 19.91 -25.07
N ILE A 434 -10.64 21.08 -24.51
CA ILE A 434 -9.93 22.30 -24.94
C ILE A 434 -8.47 22.22 -24.50
N PRO A 435 -7.50 22.44 -25.39
CA PRO A 435 -6.10 22.44 -24.98
C PRO A 435 -5.84 23.55 -23.95
N ASN A 436 -5.01 23.23 -22.95
CA ASN A 436 -4.58 24.18 -21.93
C ASN A 436 -5.77 24.80 -21.21
N ILE A 437 -6.86 24.05 -21.09
CA ILE A 437 -8.10 24.60 -20.53
C ILE A 437 -7.91 24.93 -19.05
N ASP A 438 -7.13 24.13 -18.33
CA ASP A 438 -6.91 24.42 -16.91
C ASP A 438 -6.19 25.75 -16.71
N LYS A 439 -5.17 26.02 -17.53
CA LYS A 439 -4.48 27.30 -17.45
C LYS A 439 -5.39 28.45 -17.85
N ILE A 440 -6.21 28.26 -18.88
CA ILE A 440 -7.13 29.31 -19.31
C ILE A 440 -8.14 29.61 -18.21
N ILE A 441 -8.64 28.57 -17.55
CA ILE A 441 -9.59 28.76 -16.45
C ILE A 441 -8.91 29.48 -15.29
N ALA A 442 -7.65 29.12 -15.00
CA ALA A 442 -6.92 29.80 -13.94
C ALA A 442 -6.74 31.28 -14.27
N GLU A 443 -6.44 31.60 -15.54
CA GLU A 443 -6.33 33.00 -15.95
C GLU A 443 -7.67 33.73 -15.82
N SER A 444 -8.76 33.06 -16.20
CA SER A 444 -10.08 33.68 -16.11
C SER A 444 -10.50 33.92 -14.67
N ILE A 445 -10.07 33.03 -13.76
CA ILE A 445 -10.39 33.20 -12.34
C ILE A 445 -9.75 34.47 -11.81
N LYS A 446 -8.50 34.72 -12.17
CA LYS A 446 -7.76 35.88 -11.66
C LYS A 446 -7.75 37.01 -12.69
N LYS B 27 -9.73 0.35 26.78
CA LYS B 27 -10.08 1.35 27.78
C LYS B 27 -9.21 2.59 27.64
N VAL B 28 -9.29 3.24 26.48
CA VAL B 28 -8.51 4.41 26.15
C VAL B 28 -9.46 5.49 25.64
N TYR B 29 -9.21 6.74 26.01
CA TYR B 29 -9.96 7.87 25.48
C TYR B 29 -9.01 8.95 25.00
N ARG B 30 -9.42 9.65 23.94
CA ARG B 30 -8.61 10.67 23.30
C ARG B 30 -9.15 12.06 23.63
N TYR B 31 -8.27 12.93 24.11
CA TYR B 31 -8.62 14.33 24.38
C TYR B 31 -7.66 15.22 23.62
N GLU B 32 -8.18 16.18 22.87
CA GLU B 32 -7.30 17.06 22.13
C GLU B 32 -6.94 18.29 22.96
N ILE B 33 -5.76 18.83 22.72
CA ILE B 33 -5.23 19.94 23.50
C ILE B 33 -5.31 21.20 22.65
N VAL B 34 -5.95 22.23 23.20
CA VAL B 34 -6.07 23.50 22.48
C VAL B 34 -4.82 24.34 22.63
N LYS B 35 -4.18 24.27 23.79
CA LYS B 35 -3.07 25.17 24.12
C LYS B 35 -2.25 24.53 25.23
N PRO B 36 -0.94 24.76 25.23
CA PRO B 36 -0.13 24.47 26.42
C PRO B 36 -0.23 25.61 27.43
N LEU B 37 -0.51 25.27 28.69
CA LEU B 37 -0.72 26.32 29.69
C LEU B 37 0.56 27.06 30.01
N ASP B 38 1.68 26.34 30.13
CA ASP B 38 2.92 26.96 30.61
C ASP B 38 3.58 27.81 29.53
N LEU B 39 3.45 27.43 28.27
CA LEU B 39 4.20 28.04 27.18
C LEU B 39 3.33 28.15 25.94
N ASP B 40 3.92 28.69 24.87
CA ASP B 40 3.18 28.91 23.65
C ASP B 40 3.12 27.63 22.80
N TRP B 41 2.41 27.73 21.67
CA TRP B 41 2.24 26.56 20.81
C TRP B 41 3.49 26.24 20.02
N LYS B 42 4.25 27.26 19.62
CA LYS B 42 5.42 27.01 18.78
C LYS B 42 6.48 26.21 19.53
N GLU B 43 6.83 26.66 20.73
CA GLU B 43 7.85 25.95 21.51
C GLU B 43 7.36 24.58 21.94
N PHE B 44 6.09 24.46 22.32
CA PHE B 44 5.53 23.17 22.70
C PHE B 44 5.56 22.19 21.53
N GLY B 45 5.20 22.67 20.33
CA GLY B 45 5.25 21.81 19.16
C GLY B 45 6.67 21.41 18.80
N THR B 46 7.62 22.33 18.96
CA THR B 46 9.02 21.99 18.73
C THR B 46 9.47 20.90 19.70
N ILE B 47 9.12 21.04 20.98
CA ILE B 47 9.46 20.02 21.97
C ILE B 47 8.81 18.69 21.61
N LEU B 48 7.54 18.72 21.22
CA LEU B 48 6.82 17.49 20.91
C LEU B 48 7.42 16.78 19.71
N ARG B 49 7.83 17.53 18.68
CA ARG B 49 8.40 16.88 17.51
C ARG B 49 9.82 16.39 17.78
N GLN B 50 10.57 17.09 18.64
CA GLN B 50 11.85 16.56 19.08
C GLN B 50 11.68 15.23 19.81
N LEU B 51 10.69 15.17 20.71
CA LEU B 51 10.46 13.94 21.45
C LEU B 51 9.94 12.84 20.52
N GLN B 52 9.18 13.20 19.49
CA GLN B 52 8.75 12.21 18.51
C GLN B 52 9.94 11.64 17.76
N GLN B 53 10.88 12.49 17.35
CA GLN B 53 12.08 12.00 16.70
C GLN B 53 12.87 11.08 17.62
N GLU B 54 13.02 11.46 18.90
CA GLU B 54 13.76 10.62 19.83
C GLU B 54 13.06 9.27 20.05
N THR B 55 11.74 9.28 20.17
CA THR B 55 11.00 8.04 20.36
C THR B 55 11.13 7.12 19.14
N ARG B 56 11.06 7.70 17.94
CA ARG B 56 11.22 6.90 16.74
C ARG B 56 12.62 6.29 16.67
N PHE B 57 13.65 7.09 16.97
CA PHE B 57 15.00 6.57 16.97
C PHE B 57 15.15 5.46 18.01
N ALA B 58 14.54 5.64 19.18
CA ALA B 58 14.61 4.63 20.22
C ALA B 58 13.95 3.33 19.78
N LEU B 59 12.79 3.41 19.13
CA LEU B 59 12.12 2.20 18.66
C LEU B 59 12.95 1.48 17.61
N ASN B 60 13.50 2.22 16.65
CA ASN B 60 14.30 1.58 15.61
C ASN B 60 15.56 0.95 16.18
N LYS B 61 16.25 1.66 17.09
CA LYS B 61 17.47 1.12 17.67
C LYS B 61 17.16 -0.08 18.58
N ALA B 62 16.04 -0.03 19.29
CA ALA B 62 15.66 -1.17 20.12
C ALA B 62 15.35 -2.39 19.25
N THR B 63 14.72 -2.17 18.09
CA THR B 63 14.51 -3.29 17.17
C THR B 63 15.84 -3.85 16.68
N GLN B 64 16.79 -2.98 16.33
CA GLN B 64 18.10 -3.46 15.89
C GLN B 64 18.80 -4.25 16.99
N LEU B 65 18.73 -3.78 18.23
CA LEU B 65 19.45 -4.44 19.32
C LEU B 65 18.76 -5.72 19.73
N ALA B 66 17.44 -5.79 19.62
CA ALA B 66 16.75 -7.04 19.88
C ALA B 66 17.05 -8.05 18.77
N TRP B 67 17.24 -7.56 17.56
CA TRP B 67 17.60 -8.46 16.46
C TRP B 67 19.00 -9.03 16.68
N GLU B 68 19.94 -8.19 17.11
CA GLU B 68 21.30 -8.65 17.39
C GLU B 68 21.32 -9.58 18.60
N TRP B 69 20.49 -9.29 19.61
CA TRP B 69 20.48 -10.07 20.84
C TRP B 69 20.07 -11.51 20.59
N MET B 70 19.10 -11.72 19.71
CA MET B 70 18.54 -13.04 19.49
C MET B 70 19.48 -13.91 18.66
N GLY B 71 20.58 -13.33 18.19
CA GLY B 71 21.53 -14.05 17.38
C GLY B 71 21.15 -14.14 15.92
N PHE B 72 20.13 -13.42 15.48
CA PHE B 72 19.74 -13.40 14.08
C PHE B 72 20.71 -12.62 13.20
N SER B 73 21.69 -11.94 13.80
CA SER B 73 22.62 -11.12 13.04
C SER B 73 23.48 -11.99 12.13
N SER B 74 24.03 -11.37 11.09
CA SER B 74 24.83 -12.10 10.13
C SER B 74 26.27 -12.27 10.61
N ASP B 75 27.07 -12.96 9.81
CA ASP B 75 28.45 -13.24 10.16
C ASP B 75 29.28 -11.96 10.25
N TYR B 76 29.08 -11.03 9.31
CA TYR B 76 29.85 -9.81 9.32
C TYR B 76 29.45 -8.90 10.48
N LYS B 77 28.28 -9.14 11.06
CA LYS B 77 27.82 -8.37 12.21
C LYS B 77 27.89 -9.20 13.49
N ILE B 89 25.30 -8.08 23.29
CA ILE B 89 26.48 -7.82 24.11
C ILE B 89 26.27 -8.37 25.51
N LEU B 90 27.23 -9.16 25.97
CA LEU B 90 27.15 -9.78 27.29
C LEU B 90 27.24 -8.73 28.39
N GLY B 91 26.63 -9.04 29.53
CA GLY B 91 26.60 -8.13 30.66
C GLY B 91 25.22 -7.69 31.08
N TYR B 92 24.18 -8.02 30.33
CA TYR B 92 22.81 -7.65 30.66
C TYR B 92 21.96 -8.92 30.71
N THR B 93 21.02 -8.96 31.65
CA THR B 93 20.18 -10.14 31.81
C THR B 93 19.24 -10.31 30.63
N ASN B 94 18.64 -9.22 30.15
CA ASN B 94 17.67 -9.28 29.06
C ASN B 94 17.99 -8.21 28.04
N VAL B 95 17.29 -8.29 26.90
CA VAL B 95 17.56 -7.36 25.79
C VAL B 95 17.07 -5.96 26.15
N HIS B 96 16.02 -5.87 26.97
CA HIS B 96 15.48 -4.55 27.29
C HIS B 96 16.52 -3.68 28.00
N GLY B 97 17.24 -4.24 28.96
CA GLY B 97 18.24 -3.47 29.68
C GLY B 97 19.40 -3.05 28.80
N TYR B 98 19.87 -3.98 27.95
CA TYR B 98 20.95 -3.66 27.03
C TYR B 98 20.54 -2.55 26.08
N ALA B 99 19.33 -2.64 25.53
CA ALA B 99 18.83 -1.62 24.62
C ALA B 99 18.69 -0.27 25.32
N TYR B 100 18.13 -0.27 26.54
CA TYR B 100 17.96 0.99 27.25
C TYR B 100 19.31 1.63 27.55
N HIS B 101 20.27 0.84 28.01
CA HIS B 101 21.55 1.42 28.41
C HIS B 101 22.38 1.80 27.19
N THR B 102 22.04 1.27 26.02
CA THR B 102 22.70 1.70 24.80
C THR B 102 22.07 2.99 24.26
N ILE B 103 20.74 3.10 24.37
CA ILE B 103 20.04 4.19 23.68
C ILE B 103 19.98 5.44 24.55
N LYS B 104 20.01 5.28 25.88
CA LYS B 104 19.73 6.41 26.76
C LYS B 104 20.75 7.52 26.60
N THR B 105 21.94 7.20 26.08
CA THR B 105 22.91 8.25 25.78
C THR B 105 22.42 9.14 24.65
N LYS B 106 21.88 8.53 23.59
CA LYS B 106 21.45 9.30 22.42
C LYS B 106 20.13 10.01 22.68
N ALA B 107 19.20 9.34 23.38
CA ALA B 107 17.89 9.92 23.66
C ALA B 107 17.89 10.54 25.07
N TYR B 108 18.67 11.60 25.20
CA TYR B 108 18.80 12.26 26.51
C TYR B 108 17.61 13.16 26.80
N ARG B 109 16.88 13.57 25.77
CA ARG B 109 15.76 14.49 25.97
C ARG B 109 14.57 13.79 26.62
N LEU B 110 14.26 12.58 26.17
CA LEU B 110 13.10 11.86 26.69
C LEU B 110 13.27 11.55 28.17
N ASN B 111 12.16 11.61 28.91
CA ASN B 111 12.17 11.13 30.28
C ASN B 111 12.52 9.65 30.30
N SER B 112 13.32 9.27 31.30
CA SER B 112 13.88 7.91 31.32
C SER B 112 12.77 6.86 31.38
N GLY B 113 11.71 7.11 32.13
CA GLY B 113 10.59 6.18 32.13
C GLY B 113 9.92 6.06 30.77
N ASN B 114 9.76 7.19 30.07
CA ASN B 114 9.20 7.17 28.73
C ASN B 114 10.11 6.39 27.78
N LEU B 115 11.42 6.57 27.90
CA LEU B 115 12.36 5.82 27.07
C LEU B 115 12.27 4.33 27.35
N SER B 116 12.14 3.96 28.63
CA SER B 116 11.99 2.55 28.97
C SER B 116 10.71 1.98 28.38
N GLN B 117 9.61 2.74 28.43
CA GLN B 117 8.36 2.24 27.87
C GLN B 117 8.46 2.08 26.36
N THR B 118 9.12 3.02 25.67
CA THR B 118 9.33 2.91 24.24
C THR B 118 10.14 1.67 23.89
N ILE B 119 11.26 1.47 24.59
CA ILE B 119 12.13 0.34 24.30
C ILE B 119 11.42 -0.97 24.62
N LYS B 120 10.62 -1.00 25.69
CA LYS B 120 9.86 -2.19 26.00
C LYS B 120 8.84 -2.49 24.93
N ARG B 121 8.19 -1.46 24.37
CA ARG B 121 7.26 -1.70 23.27
C ARG B 121 7.96 -2.35 22.09
N ALA B 122 9.12 -1.80 21.70
CA ALA B 122 9.83 -2.34 20.55
C ALA B 122 10.27 -3.79 20.81
N THR B 123 10.81 -4.06 22.00
CA THR B 123 11.30 -5.40 22.29
C THR B 123 10.14 -6.39 22.42
N ASP B 124 8.99 -5.93 22.91
CA ASP B 124 7.82 -6.79 22.95
C ASP B 124 7.35 -7.15 21.55
N ARG B 125 7.34 -6.19 20.63
CA ARG B 125 6.99 -6.51 19.25
C ARG B 125 7.96 -7.53 18.67
N PHE B 126 9.27 -7.34 18.90
CA PHE B 126 10.23 -8.27 18.33
C PHE B 126 10.11 -9.66 18.96
N LYS B 127 9.84 -9.73 20.26
CA LYS B 127 9.68 -11.03 20.89
C LYS B 127 8.39 -11.70 20.43
N ALA B 128 7.38 -10.92 20.06
CA ALA B 128 6.15 -11.52 19.56
C ALA B 128 6.33 -12.03 18.14
N TYR B 129 7.19 -11.40 17.35
CA TYR B 129 7.34 -11.76 15.94
C TYR B 129 8.66 -12.46 15.63
N GLN B 130 9.42 -12.89 16.65
CA GLN B 130 10.73 -13.50 16.41
C GLN B 130 10.66 -14.77 15.58
N LYS B 131 9.69 -15.65 15.87
CA LYS B 131 9.60 -16.91 15.15
C LYS B 131 9.27 -16.68 13.67
N GLU B 132 8.33 -15.77 13.40
CA GLU B 132 8.02 -15.43 12.01
C GLU B 132 9.20 -14.77 11.32
N ILE B 133 9.98 -13.96 12.06
CA ILE B 133 11.18 -13.36 11.48
C ILE B 133 12.18 -14.44 11.09
N LEU B 134 12.37 -15.43 11.97
CA LEU B 134 13.33 -16.50 11.70
C LEU B 134 12.89 -17.35 10.51
N ARG B 135 11.60 -17.69 10.45
CA ARG B 135 11.06 -18.47 9.35
C ARG B 135 10.96 -17.69 8.05
N GLY B 136 11.29 -16.40 8.06
CA GLY B 136 11.14 -15.59 6.87
C GLY B 136 9.70 -15.37 6.47
N ASP B 137 8.82 -15.11 7.44
CA ASP B 137 7.43 -14.84 7.15
C ASP B 137 7.06 -13.36 7.07
N MET B 138 7.58 -12.51 7.96
CA MET B 138 7.09 -11.14 8.05
C MET B 138 8.16 -10.06 7.97
N SER B 139 9.43 -10.41 7.75
CA SER B 139 10.50 -9.43 7.55
C SER B 139 10.78 -8.74 8.88
N ILE B 140 10.78 -7.40 8.94
CA ILE B 140 11.22 -6.67 10.12
C ILE B 140 10.12 -5.73 10.61
N PRO B 141 9.88 -5.65 11.91
CA PRO B 141 8.90 -4.67 12.42
C PRO B 141 9.34 -3.23 12.16
N SER B 142 8.38 -2.36 11.88
CA SER B 142 8.64 -0.98 11.55
C SER B 142 7.68 -0.07 12.30
N TYR B 143 8.07 1.20 12.43
CA TYR B 143 7.31 2.18 13.20
C TYR B 143 7.17 3.46 12.40
N LYS B 144 5.98 4.05 12.45
CA LYS B 144 5.65 5.20 11.63
C LYS B 144 6.37 6.46 12.12
N ARG B 145 6.54 7.41 11.21
CA ARG B 145 7.20 8.67 11.56
C ARG B 145 6.42 9.44 12.62
N ASP B 146 5.10 9.51 12.48
CA ASP B 146 4.26 10.19 13.45
C ASP B 146 3.93 9.24 14.59
N ILE B 147 4.97 8.87 15.32
CA ILE B 147 4.85 7.81 16.33
C ILE B 147 4.24 8.41 17.61
N PRO B 148 3.39 7.66 18.32
CA PRO B 148 2.93 8.14 19.62
C PRO B 148 4.08 8.34 20.60
N LEU B 149 3.95 9.36 21.43
CA LEU B 149 4.90 9.61 22.51
C LEU B 149 4.45 8.88 23.76
N ASP B 150 5.25 7.92 24.20
CA ASP B 150 4.90 7.12 25.37
C ASP B 150 5.02 7.95 26.64
N LEU B 151 4.17 7.62 27.62
CA LEU B 151 4.18 8.29 28.91
C LEU B 151 3.80 7.27 29.97
N ILE B 152 4.72 7.02 30.91
CA ILE B 152 4.44 6.06 31.97
C ILE B 152 3.40 6.64 32.91
N LYS B 153 2.83 5.79 33.77
CA LYS B 153 1.76 6.23 34.65
C LYS B 153 2.21 7.35 35.58
N GLU B 154 3.49 7.40 35.92
CA GLU B 154 3.99 8.39 36.86
C GLU B 154 4.11 9.76 36.22
N ASN B 155 4.09 9.83 34.89
CA ASN B 155 4.27 11.10 34.19
C ASN B 155 2.97 11.76 33.78
N ILE B 156 1.82 11.23 34.18
CA ILE B 156 0.52 11.78 33.81
C ILE B 156 -0.23 12.16 35.07
N SER B 157 -0.72 13.40 35.11
CA SER B 157 -1.70 13.79 36.12
C SER B 157 -2.71 14.72 35.48
N VAL B 158 -3.92 14.75 36.05
CA VAL B 158 -5.00 15.60 35.56
C VAL B 158 -5.65 16.29 36.75
N ASN B 159 -6.01 17.55 36.56
CA ASN B 159 -6.72 18.32 37.58
C ASN B 159 -7.67 19.30 36.91
N ARG B 160 -8.61 19.82 37.70
CA ARG B 160 -9.65 20.71 37.20
C ARG B 160 -9.55 22.06 37.88
N MET B 161 -9.34 23.10 37.09
CA MET B 161 -9.36 24.47 37.60
C MET B 161 -10.80 24.93 37.84
N ASN B 162 -10.94 25.90 38.74
CA ASN B 162 -12.26 26.46 39.01
C ASN B 162 -12.81 27.18 37.78
N HIS B 163 -11.93 27.64 36.89
CA HIS B 163 -12.37 28.28 35.66
C HIS B 163 -13.14 27.31 34.77
N GLY B 164 -12.95 26.02 34.96
CA GLY B 164 -13.55 25.02 34.11
C GLY B 164 -12.64 24.41 33.07
N ASP B 165 -11.37 24.78 33.08
CA ASP B 165 -10.39 24.21 32.14
C ASP B 165 -9.72 23.02 32.79
N TYR B 166 -9.83 21.85 32.15
CA TYR B 166 -9.08 20.69 32.61
C TYR B 166 -7.62 20.82 32.21
N ILE B 167 -6.73 20.64 33.18
CA ILE B 167 -5.29 20.80 32.99
C ILE B 167 -4.63 19.45 33.15
N ALA B 168 -3.84 19.05 32.16
CA ALA B 168 -3.06 17.83 32.20
C ALA B 168 -1.60 18.18 32.40
N SER B 169 -1.00 17.62 33.44
CA SER B 169 0.42 17.80 33.73
C SER B 169 1.18 16.57 33.26
N LEU B 170 2.18 16.80 32.41
CA LEU B 170 2.91 15.74 31.73
C LEU B 170 4.41 15.92 31.99
N SER B 171 5.08 14.83 32.38
CA SER B 171 6.53 14.83 32.50
C SER B 171 7.14 14.30 31.21
N LEU B 172 7.52 15.23 30.34
CA LEU B 172 7.97 14.89 29.00
C LEU B 172 9.48 14.87 28.84
N LEU B 173 10.23 15.54 29.71
CA LEU B 173 11.65 15.75 29.51
C LEU B 173 12.46 15.26 30.69
N SER B 174 13.74 15.00 30.46
CA SER B 174 14.69 14.65 31.50
C SER B 174 15.50 15.88 31.89
N ASN B 175 16.26 15.75 32.99
CA ASN B 175 16.96 16.90 33.55
C ASN B 175 17.91 17.60 32.58
N PRO B 176 18.75 16.93 31.80
CA PRO B 176 19.52 17.66 30.78
C PRO B 176 18.63 18.41 29.81
N ALA B 177 17.48 17.84 29.46
CA ALA B 177 16.54 18.54 28.59
C ALA B 177 15.94 19.74 29.30
N LYS B 178 15.75 19.65 30.63
CA LYS B 178 15.28 20.81 31.38
C LYS B 178 16.30 21.94 31.32
N GLN B 179 17.58 21.60 31.51
CA GLN B 179 18.63 22.62 31.47
C GLN B 179 18.74 23.23 30.08
N GLU B 180 18.67 22.40 29.04
CA GLU B 180 18.84 22.90 27.67
C GLU B 180 17.64 23.74 27.23
N MET B 181 16.42 23.25 27.46
CA MET B 181 15.24 23.93 26.96
C MET B 181 14.75 25.02 27.90
N ASN B 182 15.22 24.98 29.16
CA ASN B 182 14.79 25.91 30.20
C ASN B 182 13.28 25.83 30.46
N VAL B 183 12.78 24.64 30.76
CA VAL B 183 11.36 24.43 31.00
C VAL B 183 11.17 23.56 32.23
N LYS B 184 10.04 23.73 32.90
CA LYS B 184 9.72 22.97 34.10
C LYS B 184 9.41 21.52 33.74
N ARG B 185 9.55 20.63 34.74
CA ARG B 185 9.35 19.21 34.52
C ARG B 185 7.92 18.90 34.07
N LYS B 186 6.92 19.37 34.81
CA LYS B 186 5.54 19.05 34.51
C LYS B 186 4.95 20.15 33.64
N ILE B 187 4.88 19.88 32.34
CA ILE B 187 4.26 20.80 31.38
C ILE B 187 2.76 20.66 31.51
N SER B 188 2.07 21.79 31.66
CA SER B 188 0.63 21.77 31.79
C SER B 188 -0.02 22.17 30.47
N VAL B 189 -1.06 21.43 30.08
CA VAL B 189 -1.77 21.66 28.82
C VAL B 189 -3.26 21.67 29.09
N ILE B 190 -3.99 22.54 28.39
CA ILE B 190 -5.43 22.60 28.53
C ILE B 190 -6.07 21.58 27.60
N ILE B 191 -6.92 20.72 28.16
CA ILE B 191 -7.59 19.67 27.40
C ILE B 191 -9.10 19.95 27.43
N ILE B 192 -9.74 19.90 26.25
CA ILE B 192 -11.18 20.00 26.18
C ILE B 192 -11.77 18.64 26.53
N VAL B 193 -12.70 18.62 27.46
CA VAL B 193 -13.24 17.39 28.02
C VAL B 193 -14.76 17.49 28.01
N ARG B 194 -15.40 16.70 27.16
CA ARG B 194 -16.83 16.85 26.91
C ARG B 194 -17.48 15.49 26.76
N GLY B 195 -18.72 15.39 27.23
CA GLY B 195 -19.53 14.20 27.00
C GLY B 195 -18.97 12.98 27.68
N ALA B 196 -18.76 11.92 26.88
CA ALA B 196 -18.18 10.69 27.41
C ALA B 196 -16.78 10.94 27.94
N GLY B 197 -16.01 11.78 27.24
CA GLY B 197 -14.72 12.18 27.77
C GLY B 197 -14.84 12.91 29.09
N LYS B 198 -15.87 13.75 29.24
CA LYS B 198 -16.09 14.42 30.51
C LYS B 198 -16.39 13.41 31.62
N THR B 199 -17.22 12.41 31.32
CA THR B 199 -17.52 11.39 32.32
C THR B 199 -16.26 10.63 32.72
N ILE B 200 -15.44 10.27 31.74
CA ILE B 200 -14.22 9.50 32.01
C ILE B 200 -13.24 10.33 32.85
N MET B 201 -13.06 11.60 32.49
CA MET B 201 -12.12 12.44 33.23
C MET B 201 -12.63 12.71 34.65
N ASP B 202 -13.95 12.88 34.81
CA ASP B 202 -14.51 13.05 36.14
C ASP B 202 -14.29 11.80 36.98
N ARG B 203 -14.46 10.62 36.38
CA ARG B 203 -14.21 9.38 37.12
C ARG B 203 -12.74 9.24 37.47
N ILE B 204 -11.84 9.71 36.60
CA ILE B 204 -10.42 9.73 36.93
C ILE B 204 -10.15 10.63 38.12
N LEU B 205 -10.73 11.84 38.10
CA LEU B 205 -10.51 12.79 39.19
C LEU B 205 -11.07 12.27 40.51
N SER B 206 -12.24 11.63 40.47
CA SER B 206 -12.85 11.12 41.69
C SER B 206 -12.05 9.97 42.29
N GLY B 207 -11.23 9.31 41.48
CA GLY B 207 -10.47 8.17 41.93
C GLY B 207 -11.01 6.82 41.51
N GLU B 208 -12.23 6.78 40.96
CA GLU B 208 -12.79 5.51 40.50
C GLU B 208 -11.98 4.95 39.32
N TYR B 209 -11.64 5.79 38.36
CA TYR B 209 -10.84 5.39 37.22
C TYR B 209 -9.37 5.66 37.53
N GLN B 210 -8.52 4.65 37.33
CA GLN B 210 -7.10 4.80 37.60
C GLN B 210 -6.34 4.98 36.30
N VAL B 211 -5.57 6.07 36.21
CA VAL B 211 -4.80 6.36 35.01
C VAL B 211 -3.70 5.33 34.85
N SER B 212 -3.29 5.08 33.61
CA SER B 212 -2.20 4.17 33.29
C SER B 212 -1.31 4.82 32.24
N ALA B 213 -0.46 4.01 31.62
CA ALA B 213 0.42 4.52 30.58
C ALA B 213 -0.40 5.11 29.44
N SER B 214 0.01 6.30 29.00
CA SER B 214 -0.72 7.06 28.00
C SER B 214 0.21 7.38 26.83
N GLN B 215 -0.36 8.01 25.80
CA GLN B 215 0.41 8.44 24.64
C GLN B 215 0.01 9.86 24.25
N ILE B 216 0.95 10.56 23.62
CA ILE B 216 0.65 11.83 22.96
C ILE B 216 0.86 11.63 21.46
N ILE B 217 -0.23 11.75 20.70
CA ILE B 217 -0.20 11.52 19.26
C ILE B 217 -0.53 12.82 18.55
N HIS B 218 -0.28 12.86 17.25
CA HIS B 218 -0.63 13.99 16.42
C HIS B 218 -1.42 13.48 15.22
N ASP B 219 -2.50 14.16 14.87
CA ASP B 219 -3.31 13.81 13.71
C ASP B 219 -3.10 14.86 12.65
N ASP B 220 -2.54 14.44 11.51
CA ASP B 220 -2.20 15.38 10.45
C ASP B 220 -3.43 15.86 9.68
N ARG B 221 -4.41 14.97 9.48
CA ARG B 221 -5.64 15.36 8.80
C ARG B 221 -6.35 16.47 9.57
N LYS B 222 -6.49 16.29 10.88
CA LYS B 222 -7.05 17.33 11.74
C LYS B 222 -5.98 18.29 12.26
N ASN B 223 -4.70 17.97 12.04
CA ASN B 223 -3.58 18.83 12.42
C ASN B 223 -3.67 19.22 13.90
N LYS B 224 -3.99 18.25 14.74
CA LYS B 224 -4.17 18.51 16.17
C LYS B 224 -3.36 17.52 16.99
N TRP B 225 -2.90 17.97 18.15
CA TRP B 225 -2.22 17.10 19.10
C TRP B 225 -3.23 16.55 20.09
N TYR B 226 -3.16 15.25 20.35
CA TYR B 226 -4.11 14.57 21.20
C TYR B 226 -3.36 13.79 22.26
N LEU B 227 -4.03 13.57 23.39
CA LEU B 227 -3.55 12.66 24.42
C LEU B 227 -4.50 11.47 24.48
N ASN B 228 -3.95 10.27 24.26
CA ASN B 228 -4.66 9.02 24.48
C ASN B 228 -4.37 8.59 25.91
N ILE B 229 -5.33 8.81 26.80
CA ILE B 229 -5.22 8.39 28.19
C ILE B 229 -5.87 7.03 28.36
N SER B 230 -5.12 6.09 28.91
CA SER B 230 -5.61 4.77 29.23
C SER B 230 -6.00 4.72 30.69
N TYR B 231 -7.12 4.07 30.99
CA TYR B 231 -7.67 4.00 32.33
C TYR B 231 -8.07 2.57 32.62
N ASP B 232 -7.90 2.16 33.88
CA ASP B 232 -8.35 0.84 34.32
C ASP B 232 -9.24 0.97 35.55
N PHE B 233 -10.15 0.02 35.68
CA PHE B 233 -11.14 -0.02 36.76
C PHE B 233 -11.64 -1.45 36.90
N GLU B 234 -12.49 -1.66 37.91
CA GLU B 234 -13.06 -2.98 38.13
C GLU B 234 -14.27 -3.22 37.25
#